data_3BHG
#
_entry.id   3BHG
#
_cell.length_a   109.216
_cell.length_b   109.216
_cell.length_c   157.099
_cell.angle_alpha   90.00
_cell.angle_beta   90.00
_cell.angle_gamma   90.00
#
_symmetry.space_group_name_H-M   'I 41 2 2'
#
loop_
_entity.id
_entity.type
_entity.pdbx_description
1 polymer 'Adenylosuccinate lyase'
2 non-polymer 'SULFATE ION'
3 non-polymer GLYCEROL
4 water water
#
_entity_poly.entity_id   1
_entity_poly.type   'polypeptide(L)'
_entity_poly.pdbx_seq_one_letter_code
;SNA(MSE)TLTALNAISPIDGRYVNKTRALSPYFSEFALTYYRL(MSE)VEIKWFESLAANDTIPEVPALDNKARKFLSD
LISNFNESEAEKIKEFEKQTNHDVKAVEYYLQDKFQENEQLKSCVAFIHFACTSEDINNLAYAL(MSE)IKQAIAQVIQP
TIAEI(MSE)GSITLLGKQHADVA(MSE)LSRTHGQPATPTT(MSE)GKELVNFVARLKRPQQQLAEVLIPAKFNGAVGN
YNAHVAAYPEVDWRKHCANFVTSLGLSFNAYTTQIEPHDGIAEVSQI(MSE)VRINNILLDYTQDIWSYISLGYFKQKTI
AEEVGSST(MSE)PHKVNPIDFENAEGNLGLSNALFIHFANKLTQSR(MSE)QRDLSDSTVLRNLGVAFSYSLIAYHSVA
KGNDKLQINKSALQKDLSENWEVLAEAIQTV(MSE)RRYNEPNAYEQLKELTRGQ(MSE)IDAENLKKFIKTLSIPEEAK
AEL(MSE)KLTPETYTGLATQLVKAFS
;
_entity_poly.pdbx_strand_id   A
#
# COMPACT_ATOMS: atom_id res chain seq x y z
N LEU A 6 2.35 -25.88 -16.31
CA LEU A 6 2.52 -24.39 -16.26
C LEU A 6 3.99 -23.98 -16.09
N THR A 7 4.46 -23.14 -17.00
CA THR A 7 5.74 -22.46 -16.86
C THR A 7 5.43 -20.98 -16.93
N ALA A 8 6.40 -20.16 -16.55
CA ALA A 8 6.21 -18.71 -16.59
C ALA A 8 6.00 -18.28 -18.05
N LEU A 9 6.61 -18.99 -18.99
CA LEU A 9 6.42 -18.69 -20.43
C LEU A 9 4.98 -18.79 -20.93
N ASN A 10 4.26 -19.81 -20.43
CA ASN A 10 2.89 -20.12 -20.83
C ASN A 10 1.80 -19.54 -19.91
N ALA A 11 2.20 -18.86 -18.83
CA ALA A 11 1.23 -18.21 -17.94
C ALA A 11 0.47 -17.12 -18.69
N ILE A 12 -0.83 -17.03 -18.41
CA ILE A 12 -1.63 -15.95 -18.99
C ILE A 12 -1.41 -14.61 -18.28
N SER A 13 -1.37 -14.63 -16.95
CA SER A 13 -1.17 -13.41 -16.17
C SER A 13 0.32 -13.09 -16.08
N PRO A 14 0.70 -11.83 -16.34
CA PRO A 14 2.10 -11.44 -16.19
C PRO A 14 2.59 -11.49 -14.73
N ILE A 15 1.67 -11.55 -13.76
CA ILE A 15 2.01 -11.70 -12.34
CA ILE A 15 2.07 -11.67 -12.36
C ILE A 15 2.81 -13.00 -12.12
N ASP A 16 2.32 -14.07 -12.73
CA ASP A 16 2.99 -15.37 -12.63
C ASP A 16 3.81 -15.71 -13.88
N GLY A 17 3.96 -14.73 -14.78
CA GLY A 17 4.66 -14.93 -16.02
C GLY A 17 5.86 -14.03 -16.15
N ARG A 18 5.71 -12.97 -16.95
CA ARG A 18 6.81 -12.02 -17.21
C ARG A 18 7.41 -11.52 -15.89
N TYR A 19 6.55 -11.28 -14.90
CA TYR A 19 6.98 -10.62 -13.67
C TYR A 19 7.05 -11.59 -12.50
N VAL A 20 7.15 -12.89 -12.82
CA VAL A 20 7.13 -13.94 -11.79
C VAL A 20 8.16 -13.69 -10.67
N ASN A 21 9.36 -13.26 -11.03
CA ASN A 21 10.41 -12.98 -10.05
C ASN A 21 10.15 -11.73 -9.19
N LYS A 22 9.32 -10.83 -9.71
CA LYS A 22 9.02 -9.59 -9.00
C LYS A 22 7.92 -9.77 -7.95
N THR A 23 7.20 -10.89 -8.01
CA THR A 23 5.96 -11.04 -7.26
C THR A 23 5.98 -12.22 -6.28
N ARG A 24 7.07 -12.99 -6.31
CA ARG A 24 7.19 -14.19 -5.48
C ARG A 24 6.99 -13.94 -3.99
N ALA A 25 7.41 -12.76 -3.51
CA ALA A 25 7.25 -12.42 -2.09
C ALA A 25 5.79 -12.55 -1.63
N LEU A 26 4.85 -12.41 -2.55
CA LEU A 26 3.44 -12.49 -2.21
C LEU A 26 2.84 -13.90 -2.23
N SER A 27 3.51 -14.82 -2.92
CA SER A 27 3.06 -16.20 -3.00
C SER A 27 2.74 -16.90 -1.66
N PRO A 28 3.59 -16.71 -0.62
CA PRO A 28 3.28 -17.29 0.71
C PRO A 28 2.02 -16.72 1.40
N TYR A 29 1.48 -15.63 0.85
CA TYR A 29 0.28 -15.00 1.42
C TYR A 29 -0.99 -15.16 0.57
N PHE A 30 -0.79 -15.19 -0.74
CA PHE A 30 -1.91 -15.24 -1.68
C PHE A 30 -1.57 -16.27 -2.75
N SER A 31 -2.19 -17.44 -2.67
CA SER A 31 -1.93 -18.55 -3.60
C SER A 31 -2.80 -19.65 -3.04
N GLU A 32 -3.11 -20.67 -3.83
CA GLU A 32 -3.91 -21.77 -3.30
C GLU A 32 -3.17 -22.46 -2.12
N PHE A 33 -1.84 -22.54 -2.24
CA PHE A 33 -0.99 -23.06 -1.17
C PHE A 33 -1.13 -22.23 0.12
N ALA A 34 -1.01 -20.90 0.01
CA ALA A 34 -1.17 -20.03 1.18
C ALA A 34 -2.55 -20.18 1.84
N LEU A 35 -3.60 -20.18 1.03
CA LEU A 35 -4.95 -20.32 1.53
C LEU A 35 -5.11 -21.65 2.32
N THR A 36 -4.55 -22.74 1.78
CA THR A 36 -4.54 -24.01 2.48
C THR A 36 -3.76 -23.92 3.80
N TYR A 37 -2.59 -23.29 3.76
CA TYR A 37 -1.76 -23.15 4.97
C TYR A 37 -2.52 -22.39 6.06
N TYR A 38 -3.17 -21.28 5.68
CA TYR A 38 -3.87 -20.46 6.65
C TYR A 38 -5.15 -21.12 7.18
N ARG A 39 -5.88 -21.84 6.33
CA ARG A 39 -7.04 -22.61 6.79
C ARG A 39 -6.61 -23.67 7.83
N LEU A 40 -5.53 -24.37 7.53
CA LEU A 40 -4.97 -25.36 8.44
C LEU A 40 -4.59 -24.71 9.76
N VAL A 42 -5.75 -22.00 11.08
CA VAL A 42 -6.94 -21.51 11.75
C VAL A 42 -7.66 -22.67 12.44
N GLU A 43 -7.81 -23.79 11.73
CA GLU A 43 -8.48 -24.97 12.29
C GLU A 43 -7.75 -25.47 13.55
N ILE A 44 -6.42 -25.48 13.50
CA ILE A 44 -5.64 -25.98 14.62
C ILE A 44 -5.73 -25.03 15.82
N LYS A 45 -5.64 -23.73 15.54
CA LYS A 45 -5.70 -22.72 16.59
C LYS A 45 -7.09 -22.67 17.23
N TRP A 46 -8.13 -22.97 16.46
CA TRP A 46 -9.50 -23.09 17.01
C TRP A 46 -9.60 -24.26 17.99
N PHE A 47 -9.16 -25.42 17.52
CA PHE A 47 -9.12 -26.60 18.35
C PHE A 47 -8.36 -26.35 19.65
N GLU A 48 -7.23 -25.66 19.55
CA GLU A 48 -6.42 -25.31 20.72
C GLU A 48 -7.18 -24.40 21.68
N SER A 49 -7.97 -23.47 21.14
CA SER A 49 -8.76 -22.54 21.97
C SER A 49 -9.80 -23.28 22.80
N LEU A 50 -10.36 -24.37 22.25
CA LEU A 50 -11.32 -25.22 22.97
C LEU A 50 -10.65 -26.02 24.09
N ALA A 51 -9.46 -26.55 23.79
CA ALA A 51 -8.67 -27.25 24.80
C ALA A 51 -8.32 -26.29 25.95
N ALA A 52 -8.00 -25.05 25.62
CA ALA A 52 -7.64 -24.03 26.60
C ALA A 52 -8.80 -23.48 27.45
N ASN A 53 -10.03 -23.81 27.08
CA ASN A 53 -11.23 -23.32 27.79
C ASN A 53 -11.72 -24.30 28.87
N ASP A 54 -11.73 -23.83 30.13
CA ASP A 54 -12.17 -24.59 31.31
C ASP A 54 -13.61 -25.08 31.28
N THR A 55 -14.47 -24.33 30.61
CA THR A 55 -15.90 -24.65 30.58
C THR A 55 -16.21 -25.66 29.49
N ILE A 56 -15.16 -26.11 28.80
CA ILE A 56 -15.28 -27.13 27.76
C ILE A 56 -14.38 -28.30 28.17
N PRO A 57 -14.78 -29.02 29.24
CA PRO A 57 -13.91 -30.07 29.80
C PRO A 57 -13.81 -31.31 28.90
N GLU A 58 -14.73 -31.43 27.94
CA GLU A 58 -14.76 -32.54 26.98
C GLU A 58 -13.56 -32.55 26.00
N VAL A 59 -12.87 -31.42 25.90
CA VAL A 59 -11.56 -31.36 25.27
C VAL A 59 -10.51 -31.10 26.36
N PRO A 60 -9.72 -32.13 26.71
CA PRO A 60 -8.76 -31.92 27.81
C PRO A 60 -7.63 -30.98 27.44
N ALA A 61 -7.04 -30.32 28.44
CA ALA A 61 -5.88 -29.46 28.24
C ALA A 61 -4.77 -30.24 27.53
N LEU A 62 -4.13 -29.60 26.56
CA LEU A 62 -3.13 -30.26 25.75
C LEU A 62 -1.79 -30.37 26.45
N ASP A 63 -1.20 -31.56 26.39
CA ASP A 63 0.11 -31.76 27.02
C ASP A 63 1.24 -31.43 26.06
N ASN A 64 2.42 -31.20 26.63
CA ASN A 64 3.65 -30.89 25.88
C ASN A 64 3.67 -31.51 24.49
N LYS A 65 3.56 -32.84 24.45
CA LYS A 65 3.67 -33.62 23.21
C LYS A 65 2.59 -33.28 22.19
N ALA A 66 1.37 -33.07 22.65
CA ALA A 66 0.26 -32.69 21.79
C ALA A 66 0.43 -31.28 21.20
N ARG A 67 0.81 -30.32 22.04
CA ARG A 67 1.09 -28.96 21.57
C ARG A 67 2.14 -28.99 20.45
N LYS A 68 3.26 -29.68 20.69
CA LYS A 68 4.34 -29.81 19.69
C LYS A 68 3.89 -30.48 18.39
N PHE A 69 3.09 -31.54 18.49
CA PHE A 69 2.53 -32.21 17.31
C PHE A 69 1.74 -31.23 16.42
N LEU A 70 0.82 -30.48 17.03
CA LEU A 70 0.02 -29.46 16.34
C LEU A 70 0.94 -28.37 15.79
N SER A 71 1.88 -27.91 16.62
CA SER A 71 2.82 -26.88 16.24
C SER A 71 3.57 -27.33 14.98
N ASP A 72 4.08 -28.57 15.02
CA ASP A 72 4.79 -29.17 13.88
C ASP A 72 3.96 -29.29 12.60
N LEU A 73 2.66 -29.55 12.69
CA LEU A 73 1.81 -29.56 11.49
C LEU A 73 1.89 -28.24 10.70
N ILE A 74 2.05 -27.14 11.41
CA ILE A 74 2.08 -25.81 10.80
C ILE A 74 3.48 -25.51 10.24
N SER A 75 4.50 -25.72 11.06
CA SER A 75 5.86 -25.41 10.62
C SER A 75 6.39 -26.40 9.56
N ASN A 76 5.88 -27.63 9.56
CA ASN A 76 6.30 -28.62 8.58
C ASN A 76 5.42 -28.68 7.32
N PHE A 77 4.36 -27.84 7.27
CA PHE A 77 3.47 -27.79 6.10
C PHE A 77 4.23 -27.49 4.80
N ASN A 78 3.95 -28.28 3.76
CA ASN A 78 4.65 -28.17 2.48
C ASN A 78 3.77 -28.60 1.30
N GLU A 79 4.32 -28.60 0.09
CA GLU A 79 3.59 -28.99 -1.13
C GLU A 79 2.98 -30.36 -1.01
N SER A 80 3.79 -31.33 -0.60
CA SER A 80 3.35 -32.68 -0.27
C SER A 80 2.06 -32.71 0.60
N GLU A 81 2.08 -31.98 1.72
CA GLU A 81 0.92 -31.94 2.61
C GLU A 81 -0.28 -31.22 1.97
N ALA A 82 -0.02 -30.13 1.25
CA ALA A 82 -1.05 -29.39 0.54
C ALA A 82 -1.76 -30.30 -0.47
N GLU A 83 -0.97 -31.13 -1.17
CA GLU A 83 -1.47 -32.11 -2.13
C GLU A 83 -2.37 -33.13 -1.43
N LYS A 84 -1.95 -33.59 -0.25
CA LYS A 84 -2.77 -34.49 0.57
C LYS A 84 -4.15 -33.90 0.91
N ILE A 85 -4.18 -32.61 1.24
CA ILE A 85 -5.47 -31.93 1.52
C ILE A 85 -6.31 -31.85 0.24
N LYS A 86 -5.66 -31.47 -0.86
CA LYS A 86 -6.27 -31.54 -2.18
C LYS A 86 -6.87 -32.91 -2.48
N GLU A 87 -6.21 -33.98 -2.05
CA GLU A 87 -6.74 -35.35 -2.19
C GLU A 87 -8.14 -35.45 -1.59
N PHE A 88 -8.30 -34.93 -0.37
CA PHE A 88 -9.60 -34.98 0.33
C PHE A 88 -10.69 -34.12 -0.30
N GLU A 89 -10.32 -33.13 -1.11
CA GLU A 89 -11.32 -32.32 -1.78
C GLU A 89 -12.19 -33.14 -2.74
N LYS A 90 -11.67 -34.32 -3.13
CA LYS A 90 -12.40 -35.28 -3.95
C LYS A 90 -13.74 -35.70 -3.33
N GLN A 91 -13.82 -35.68 -2.00
CA GLN A 91 -14.97 -36.21 -1.26
C GLN A 91 -16.02 -35.16 -0.87
N THR A 92 -15.62 -33.89 -0.88
CA THR A 92 -16.36 -32.84 -0.16
C THR A 92 -17.06 -31.81 -1.04
N ASN A 93 -18.16 -31.26 -0.54
CA ASN A 93 -18.74 -30.03 -1.11
C ASN A 93 -17.83 -28.81 -0.81
N HIS A 94 -17.31 -28.74 0.41
CA HIS A 94 -16.53 -27.60 0.87
C HIS A 94 -15.04 -27.91 0.93
N ASP A 95 -14.21 -27.05 0.32
CA ASP A 95 -12.76 -27.15 0.40
C ASP A 95 -12.26 -27.19 1.83
N VAL A 96 -12.86 -26.38 2.69
CA VAL A 96 -12.47 -26.31 4.10
C VAL A 96 -12.63 -27.66 4.79
N LYS A 97 -13.67 -28.41 4.40
CA LYS A 97 -13.92 -29.75 4.92
C LYS A 97 -12.72 -30.69 4.68
N ALA A 98 -12.04 -30.51 3.55
CA ALA A 98 -10.86 -31.32 3.23
C ALA A 98 -9.77 -31.14 4.27
N VAL A 99 -9.65 -29.94 4.84
CA VAL A 99 -8.72 -29.66 5.94
C VAL A 99 -9.10 -30.41 7.22
N GLU A 100 -10.40 -30.41 7.54
CA GLU A 100 -10.87 -31.20 8.69
C GLU A 100 -10.50 -32.68 8.51
N TYR A 101 -10.77 -33.25 7.34
CA TYR A 101 -10.39 -34.65 7.02
C TYR A 101 -8.91 -34.94 7.17
N TYR A 102 -8.08 -34.03 6.70
CA TYR A 102 -6.64 -34.13 6.85
C TYR A 102 -6.28 -34.21 8.33
N LEU A 103 -6.85 -33.31 9.13
CA LEU A 103 -6.60 -33.23 10.57
C LEU A 103 -7.09 -34.45 11.34
N GLN A 104 -8.27 -34.94 10.98
CA GLN A 104 -8.77 -36.21 11.52
C GLN A 104 -7.73 -37.31 11.35
N ASP A 105 -7.12 -37.32 10.17
CA ASP A 105 -6.08 -38.29 9.79
C ASP A 105 -4.84 -38.15 10.67
N LYS A 106 -4.38 -36.91 10.84
CA LYS A 106 -3.19 -36.59 11.61
C LYS A 106 -3.38 -36.87 13.10
N PHE A 107 -4.58 -36.61 13.61
CA PHE A 107 -4.87 -36.78 15.03
C PHE A 107 -4.68 -38.23 15.49
N GLN A 108 -4.83 -39.16 14.55
CA GLN A 108 -4.56 -40.60 14.81
C GLN A 108 -3.14 -40.88 15.26
N GLU A 109 -2.21 -40.02 14.87
CA GLU A 109 -0.79 -40.22 15.16
C GLU A 109 -0.37 -39.78 16.56
N ASN A 110 -1.31 -39.24 17.34
CA ASN A 110 -1.08 -38.79 18.72
C ASN A 110 -2.12 -39.40 19.68
N GLU A 111 -1.63 -40.13 20.68
CA GLU A 111 -2.49 -40.83 21.67
C GLU A 111 -3.65 -39.96 22.21
N GLN A 112 -3.32 -38.73 22.60
CA GLN A 112 -4.27 -37.77 23.17
C GLN A 112 -5.21 -37.19 22.11
N LEU A 113 -4.63 -36.77 20.97
CA LEU A 113 -5.42 -36.20 19.88
C LEU A 113 -6.32 -37.23 19.20
N LYS A 114 -5.87 -38.48 19.09
CA LYS A 114 -6.67 -39.57 18.53
C LYS A 114 -8.12 -39.52 19.01
N SER A 115 -8.28 -39.11 20.27
CA SER A 115 -9.55 -39.17 20.98
C SER A 115 -10.46 -37.98 20.75
N CYS A 116 -9.90 -36.91 20.19
CA CYS A 116 -10.57 -35.61 20.17
C CYS A 116 -11.04 -35.17 18.79
N VAL A 117 -11.05 -36.11 17.84
CA VAL A 117 -11.36 -35.79 16.45
C VAL A 117 -12.73 -35.11 16.23
N ALA A 118 -13.73 -35.47 17.04
CA ALA A 118 -15.07 -34.87 16.95
C ALA A 118 -15.08 -33.37 17.25
N PHE A 119 -14.02 -32.88 17.88
CA PHE A 119 -13.91 -31.46 18.17
C PHE A 119 -13.16 -30.61 17.13
N ILE A 120 -12.59 -31.24 16.10
CA ILE A 120 -12.04 -30.50 14.97
C ILE A 120 -13.19 -29.81 14.23
N HIS A 121 -13.08 -28.50 13.99
CA HIS A 121 -14.10 -27.71 13.27
C HIS A 121 -15.40 -27.66 14.08
N PHE A 122 -15.28 -27.79 15.42
CA PHE A 122 -16.47 -27.82 16.29
C PHE A 122 -17.33 -26.56 16.20
N ALA A 123 -18.60 -26.75 15.84
CA ALA A 123 -19.61 -25.69 15.67
C ALA A 123 -19.28 -24.63 14.59
N CYS A 124 -18.23 -24.86 13.81
CA CYS A 124 -17.80 -23.89 12.80
C CYS A 124 -18.59 -24.04 11.54
N THR A 125 -18.68 -22.94 10.81
CA THR A 125 -19.08 -22.95 9.42
C THR A 125 -17.81 -22.72 8.58
N SER A 126 -17.87 -23.11 7.31
CA SER A 126 -16.72 -22.93 6.42
C SER A 126 -16.21 -21.50 6.41
N GLU A 127 -17.15 -20.54 6.39
CA GLU A 127 -16.80 -19.14 6.31
C GLU A 127 -16.11 -18.60 7.59
N ASP A 128 -16.34 -19.23 8.74
CA ASP A 128 -15.61 -18.93 9.98
C ASP A 128 -14.11 -19.13 9.71
N ILE A 129 -13.77 -20.25 9.08
CA ILE A 129 -12.39 -20.57 8.77
C ILE A 129 -11.85 -19.69 7.65
N ASN A 130 -12.62 -19.56 6.56
CA ASN A 130 -12.16 -18.77 5.39
C ASN A 130 -11.90 -17.30 5.72
N ASN A 131 -12.82 -16.67 6.46
CA ASN A 131 -12.66 -15.23 6.69
C ASN A 131 -11.42 -14.93 7.56
N LEU A 132 -11.18 -15.79 8.54
CA LEU A 132 -9.98 -15.70 9.38
C LEU A 132 -8.72 -15.93 8.56
N ALA A 133 -8.75 -16.96 7.71
CA ALA A 133 -7.61 -17.26 6.83
C ALA A 133 -7.28 -16.06 5.96
N TYR A 134 -8.29 -15.50 5.30
CA TYR A 134 -8.07 -14.31 4.48
C TYR A 134 -7.65 -13.09 5.29
N ALA A 135 -8.26 -12.90 6.47
CA ALA A 135 -7.84 -11.81 7.35
C ALA A 135 -6.33 -11.90 7.68
N LEU A 136 -5.87 -13.08 8.08
CA LEU A 136 -4.45 -13.30 8.32
C LEU A 136 -3.55 -13.12 7.09
N ILE A 138 -4.14 -11.13 4.51
CA ILE A 138 -4.07 -9.69 4.29
C ILE A 138 -3.16 -9.02 5.32
N LYS A 139 -3.42 -9.29 6.59
CA LYS A 139 -2.63 -8.73 7.70
C LYS A 139 -1.14 -8.95 7.48
N GLN A 140 -0.76 -10.17 7.15
CA GLN A 140 0.65 -10.52 7.05
C GLN A 140 1.29 -10.05 5.77
N ALA A 141 0.54 -10.09 4.66
CA ALA A 141 1.08 -9.56 3.40
C ALA A 141 1.41 -8.07 3.57
N ILE A 142 0.51 -7.35 4.23
CA ILE A 142 0.74 -5.93 4.47
C ILE A 142 1.92 -5.70 5.44
N ALA A 143 1.92 -6.40 6.58
CA ALA A 143 2.98 -6.26 7.60
C ALA A 143 4.35 -6.69 7.08
N GLN A 144 4.43 -7.78 6.32
CA GLN A 144 5.75 -8.30 5.90
C GLN A 144 6.26 -7.78 4.56
N VAL A 145 5.35 -7.50 3.61
CA VAL A 145 5.74 -7.16 2.23
C VAL A 145 5.32 -5.74 1.82
N ILE A 146 4.02 -5.44 1.93
CA ILE A 146 3.49 -4.20 1.29
C ILE A 146 3.91 -2.94 2.05
N GLN A 147 3.61 -2.88 3.33
CA GLN A 147 3.99 -1.70 4.11
C GLN A 147 5.53 -1.45 4.09
N PRO A 148 6.35 -2.49 4.33
CA PRO A 148 7.80 -2.24 4.18
C PRO A 148 8.25 -1.79 2.81
N THR A 149 7.63 -2.27 1.72
CA THR A 149 8.05 -1.82 0.38
C THR A 149 7.70 -0.33 0.13
N ILE A 150 6.50 0.06 0.52
CA ILE A 150 6.07 1.45 0.46
C ILE A 150 7.02 2.31 1.31
N ALA A 151 7.40 1.80 2.50
CA ALA A 151 8.39 2.52 3.33
C ALA A 151 9.70 2.75 2.57
N GLU A 152 10.12 1.75 1.82
CA GLU A 152 11.34 1.85 1.01
C GLU A 152 11.23 2.90 -0.10
N ILE A 153 10.08 2.94 -0.77
CA ILE A 153 9.84 3.92 -1.84
C ILE A 153 9.87 5.34 -1.27
N GLY A 155 11.46 6.32 1.48
CA GLY A 155 12.88 6.62 1.76
C GLY A 155 13.68 7.01 0.52
N SER A 156 13.46 6.30 -0.59
CA SER A 156 14.09 6.56 -1.88
C SER A 156 13.80 7.97 -2.39
N ILE A 157 12.53 8.35 -2.38
CA ILE A 157 12.14 9.69 -2.83
C ILE A 157 12.68 10.73 -1.84
N THR A 158 12.58 10.41 -0.54
CA THR A 158 13.14 11.34 0.50
C THR A 158 14.64 11.62 0.28
N LEU A 159 15.40 10.55 -0.01
CA LEU A 159 16.85 10.71 -0.23
C LEU A 159 17.13 11.63 -1.42
N LEU A 160 16.40 11.41 -2.51
CA LEU A 160 16.48 12.30 -3.68
C LEU A 160 16.11 13.75 -3.32
N GLY A 161 15.01 13.92 -2.57
CA GLY A 161 14.63 15.23 -2.07
C GLY A 161 15.71 15.93 -1.24
N LYS A 162 16.29 15.20 -0.29
CA LYS A 162 17.35 15.76 0.53
C LYS A 162 18.57 16.14 -0.31
N GLN A 163 18.93 15.30 -1.26
CA GLN A 163 20.12 15.55 -2.05
C GLN A 163 19.99 16.82 -2.91
N HIS A 164 18.78 17.07 -3.41
CA HIS A 164 18.53 18.19 -4.30
C HIS A 164 17.77 19.32 -3.61
N ALA A 165 17.91 19.41 -2.27
CA ALA A 165 17.21 20.39 -1.43
C ALA A 165 17.40 21.84 -1.89
N ASP A 166 18.61 22.15 -2.35
CA ASP A 166 18.99 23.52 -2.67
C ASP A 166 19.10 23.79 -4.18
N VAL A 167 18.67 22.83 -5.01
CA VAL A 167 18.79 22.96 -6.46
C VAL A 167 17.61 23.75 -7.01
N ALA A 168 17.84 25.04 -7.27
CA ALA A 168 16.78 25.92 -7.78
C ALA A 168 16.15 25.41 -9.08
N LEU A 170 12.75 26.26 -11.99
CA LEU A 170 11.58 26.98 -12.47
C LEU A 170 10.32 26.11 -12.23
N SER A 171 9.28 26.67 -11.60
CA SER A 171 8.01 25.99 -11.50
C SER A 171 7.25 26.07 -12.82
N ARG A 172 6.31 25.15 -12.99
CA ARG A 172 5.38 25.24 -14.09
C ARG A 172 3.98 25.04 -13.55
N THR A 173 3.17 26.07 -13.73
CA THR A 173 1.74 26.00 -13.39
C THR A 173 1.03 26.18 -14.73
N HIS A 174 0.00 25.37 -14.95
CA HIS A 174 -0.63 25.21 -16.27
C HIS A 174 0.44 25.11 -17.37
N GLY A 175 1.55 24.42 -17.04
CA GLY A 175 2.58 24.08 -18.02
C GLY A 175 3.57 25.18 -18.26
N GLN A 176 3.37 26.32 -17.58
CA GLN A 176 4.06 27.55 -17.96
C GLN A 176 4.89 28.14 -16.83
N PRO A 177 6.00 28.84 -17.18
CA PRO A 177 6.93 29.36 -16.18
C PRO A 177 6.22 30.02 -15.00
N ALA A 178 6.64 29.64 -13.80
CA ALA A 178 6.05 30.16 -12.55
C ALA A 178 7.14 30.33 -11.49
N THR A 179 6.77 31.03 -10.42
CA THR A 179 7.57 31.22 -9.23
C THR A 179 8.43 30.01 -8.90
N PRO A 180 9.75 30.22 -8.74
CA PRO A 180 10.64 29.08 -8.51
C PRO A 180 10.49 28.31 -7.20
N THR A 181 11.05 27.11 -7.24
CA THR A 181 11.02 26.17 -6.14
C THR A 181 12.41 25.51 -6.13
N THR A 182 12.56 24.36 -5.47
CA THR A 182 13.78 23.57 -5.67
C THR A 182 13.37 22.17 -6.08
N GLY A 184 14.40 19.40 -4.86
CA GLY A 184 14.20 18.59 -3.65
C GLY A 184 12.86 18.85 -2.97
N LYS A 185 12.42 20.10 -3.00
CA LYS A 185 11.11 20.46 -2.44
C LYS A 185 9.99 19.77 -3.21
N GLU A 186 10.10 19.77 -4.53
CA GLU A 186 9.07 19.13 -5.35
C GLU A 186 8.98 17.63 -5.09
N LEU A 187 10.11 17.01 -4.80
CA LEU A 187 10.19 15.57 -4.49
C LEU A 187 9.64 15.28 -3.09
N VAL A 188 10.07 16.07 -2.12
CA VAL A 188 9.56 15.93 -0.75
C VAL A 188 8.03 16.07 -0.65
N ASN A 189 7.44 16.94 -1.49
CA ASN A 189 5.97 17.06 -1.53
C ASN A 189 5.28 15.70 -1.65
N PHE A 190 5.80 14.80 -2.51
CA PHE A 190 5.18 13.47 -2.67
C PHE A 190 5.28 12.60 -1.39
N VAL A 191 6.42 12.64 -0.73
CA VAL A 191 6.62 11.87 0.50
C VAL A 191 5.66 12.41 1.57
N ALA A 192 5.52 13.73 1.65
CA ALA A 192 4.57 14.32 2.60
C ALA A 192 3.14 13.76 2.41
N ARG A 193 2.75 13.59 1.15
CA ARG A 193 1.42 13.02 0.84
C ARG A 193 1.31 11.56 1.25
N LEU A 194 2.41 10.82 1.09
CA LEU A 194 2.41 9.39 1.41
C LEU A 194 2.33 9.11 2.91
N LYS A 195 2.80 10.03 3.75
CA LYS A 195 2.86 9.74 5.20
C LYS A 195 1.55 9.25 5.83
N ARG A 196 0.47 10.01 5.62
CA ARG A 196 -0.82 9.70 6.23
C ARG A 196 -1.39 8.31 5.81
N PRO A 197 -1.57 8.05 4.49
CA PRO A 197 -2.10 6.71 4.15
C PRO A 197 -1.17 5.53 4.48
N GLN A 198 0.14 5.75 4.42
CA GLN A 198 1.10 4.75 4.89
C GLN A 198 0.91 4.41 6.38
N GLN A 199 0.75 5.43 7.21
CA GLN A 199 0.47 5.17 8.63
C GLN A 199 -0.89 4.47 8.80
N GLN A 200 -1.90 4.93 8.06
CA GLN A 200 -3.20 4.27 8.07
C GLN A 200 -3.13 2.77 7.67
N LEU A 201 -2.33 2.47 6.64
CA LEU A 201 -2.11 1.09 6.17
C LEU A 201 -1.51 0.19 7.28
N ALA A 202 -0.49 0.71 7.97
CA ALA A 202 0.13 0.00 9.10
C ALA A 202 -0.87 -0.24 10.25
N GLU A 203 -1.69 0.76 10.54
CA GLU A 203 -2.58 0.71 11.70
C GLU A 203 -3.88 -0.04 11.57
N VAL A 204 -4.37 -0.28 10.34
CA VAL A 204 -5.65 -0.99 10.19
C VAL A 204 -5.55 -2.40 10.75
N LEU A 205 -6.42 -2.69 11.72
CA LEU A 205 -6.57 -4.05 12.22
C LEU A 205 -7.56 -4.75 11.32
N ILE A 206 -7.17 -5.88 10.74
CA ILE A 206 -7.99 -6.51 9.71
C ILE A 206 -9.17 -7.20 10.40
N PRO A 207 -10.41 -6.83 10.01
CA PRO A 207 -11.62 -7.43 10.60
C PRO A 207 -11.76 -8.93 10.37
N ALA A 208 -12.24 -9.65 11.38
CA ALA A 208 -12.52 -11.07 11.23
C ALA A 208 -13.64 -11.49 12.20
N LYS A 209 -14.41 -12.51 11.84
CA LYS A 209 -15.50 -12.97 12.68
C LYS A 209 -15.43 -14.46 12.94
N PHE A 210 -16.14 -14.93 13.95
CA PHE A 210 -16.08 -16.36 14.23
C PHE A 210 -17.30 -16.69 15.08
N ASN A 211 -18.36 -17.13 14.40
CA ASN A 211 -19.68 -17.16 15.05
C ASN A 211 -20.70 -18.11 14.44
N GLY A 212 -20.24 -19.05 13.62
CA GLY A 212 -21.15 -20.06 13.06
C GLY A 212 -21.84 -19.62 11.78
N ALA A 213 -22.82 -20.43 11.38
CA ALA A 213 -23.46 -20.39 10.05
C ALA A 213 -23.99 -19.05 9.58
N VAL A 214 -24.62 -18.30 10.49
CA VAL A 214 -25.29 -17.04 10.12
C VAL A 214 -24.99 -15.88 11.09
N GLY A 215 -24.01 -16.07 11.98
CA GLY A 215 -23.51 -14.99 12.84
C GLY A 215 -23.99 -15.01 14.28
N ASN A 216 -24.84 -15.99 14.62
CA ASN A 216 -25.53 -16.03 15.93
C ASN A 216 -25.12 -17.14 16.92
N TYR A 217 -24.02 -17.82 16.65
CA TYR A 217 -23.54 -18.92 17.52
C TYR A 217 -24.58 -20.02 17.78
N ASN A 218 -25.46 -20.26 16.82
CA ASN A 218 -26.59 -21.15 17.05
C ASN A 218 -26.18 -22.56 17.48
N ALA A 219 -25.26 -23.16 16.71
CA ALA A 219 -24.80 -24.54 16.94
C ALA A 219 -23.98 -24.62 18.22
N HIS A 220 -23.15 -23.59 18.47
CA HIS A 220 -22.40 -23.47 19.73
C HIS A 220 -23.33 -23.55 20.95
N VAL A 221 -24.36 -22.71 20.92
CA VAL A 221 -25.35 -22.63 22.00
C VAL A 221 -26.19 -23.90 22.13
N ALA A 222 -26.46 -24.57 21.00
CA ALA A 222 -27.22 -25.84 21.05
C ALA A 222 -26.46 -26.88 21.87
N ALA A 223 -25.15 -26.99 21.66
CA ALA A 223 -24.33 -27.99 22.35
C ALA A 223 -23.83 -27.54 23.73
N TYR A 224 -23.48 -26.26 23.84
CA TYR A 224 -22.92 -25.69 25.07
C TYR A 224 -23.60 -24.37 25.43
N PRO A 225 -24.86 -24.44 25.92
CA PRO A 225 -25.58 -23.23 26.34
C PRO A 225 -24.83 -22.48 27.44
N GLU A 226 -23.98 -23.20 28.17
CA GLU A 226 -23.34 -22.67 29.36
C GLU A 226 -22.01 -21.95 29.10
N VAL A 227 -21.44 -22.12 27.91
CA VAL A 227 -20.17 -21.48 27.57
C VAL A 227 -20.42 -20.08 27.03
N ASP A 228 -19.61 -19.12 27.49
CA ASP A 228 -19.72 -17.76 26.99
C ASP A 228 -19.04 -17.70 25.62
N TRP A 229 -19.79 -18.02 24.58
CA TRP A 229 -19.24 -18.09 23.22
C TRP A 229 -18.76 -16.78 22.65
N ARG A 230 -19.48 -15.70 22.93
CA ARG A 230 -19.08 -14.37 22.47
CA ARG A 230 -19.07 -14.38 22.46
C ARG A 230 -17.70 -14.00 23.04
N LYS A 231 -17.49 -14.32 24.31
CA LYS A 231 -16.22 -14.02 24.97
C LYS A 231 -15.13 -14.91 24.40
N HIS A 232 -15.44 -16.20 24.26
CA HIS A 232 -14.51 -17.18 23.71
C HIS A 232 -14.03 -16.79 22.31
N CYS A 233 -14.97 -16.45 21.44
CA CYS A 233 -14.64 -16.17 20.06
C CYS A 233 -13.92 -14.83 19.90
N ALA A 234 -14.35 -13.81 20.65
CA ALA A 234 -13.64 -12.54 20.69
C ALA A 234 -12.16 -12.71 21.06
N ASN A 235 -11.91 -13.44 22.15
CA ASN A 235 -10.56 -13.69 22.62
C ASN A 235 -9.75 -14.50 21.60
N PHE A 236 -10.39 -15.47 20.95
CA PHE A 236 -9.76 -16.24 19.89
C PHE A 236 -9.27 -15.34 18.75
N VAL A 237 -10.17 -14.51 18.22
CA VAL A 237 -9.85 -13.69 17.09
C VAL A 237 -8.84 -12.61 17.47
N THR A 238 -9.03 -11.98 18.63
CA THR A 238 -8.13 -10.90 19.03
C THR A 238 -6.70 -11.43 19.35
N SER A 239 -6.61 -12.66 19.85
CA SER A 239 -5.32 -13.38 20.03
C SER A 239 -4.49 -13.51 18.75
N LEU A 240 -5.17 -13.48 17.60
CA LEU A 240 -4.48 -13.57 16.32
C LEU A 240 -4.02 -12.20 15.76
N GLY A 241 -4.32 -11.12 16.48
CA GLY A 241 -3.91 -9.78 16.05
C GLY A 241 -4.87 -9.17 15.05
N LEU A 242 -6.12 -9.62 15.09
CA LEU A 242 -7.16 -9.17 14.18
C LEU A 242 -8.21 -8.36 14.92
N SER A 243 -9.13 -7.73 14.18
CA SER A 243 -10.22 -6.96 14.74
C SER A 243 -11.50 -7.78 14.79
N PHE A 244 -11.91 -8.17 15.98
CA PHE A 244 -13.10 -9.01 16.12
C PHE A 244 -14.35 -8.25 15.72
N ASN A 245 -15.09 -8.82 14.77
CA ASN A 245 -16.41 -8.32 14.39
C ASN A 245 -17.51 -9.14 15.06
N ALA A 246 -18.24 -8.50 15.99
CA ALA A 246 -19.30 -9.15 16.77
C ALA A 246 -20.62 -9.34 16.00
N TYR A 247 -20.77 -8.57 14.92
CA TYR A 247 -22.04 -8.41 14.22
C TYR A 247 -21.90 -8.76 12.74
N THR A 248 -22.23 -10.01 12.38
CA THR A 248 -22.11 -10.43 10.96
C THR A 248 -23.21 -11.40 10.60
N THR A 249 -23.33 -11.68 9.30
CA THR A 249 -24.15 -12.80 8.82
C THR A 249 -23.21 -14.03 8.71
N GLN A 250 -23.44 -14.91 7.74
CA GLN A 250 -22.42 -15.93 7.40
C GLN A 250 -21.02 -15.35 7.06
N ILE A 251 -20.98 -14.23 6.38
CA ILE A 251 -19.68 -13.65 6.02
C ILE A 251 -19.34 -12.50 6.95
N GLU A 252 -18.03 -12.20 7.08
CA GLU A 252 -17.59 -10.90 7.51
C GLU A 252 -17.93 -9.95 6.34
N PRO A 253 -18.57 -8.78 6.60
CA PRO A 253 -19.15 -7.99 5.48
C PRO A 253 -18.14 -7.30 4.53
N HIS A 254 -16.85 -7.45 4.81
CA HIS A 254 -15.77 -7.00 3.90
C HIS A 254 -15.56 -5.48 3.81
N ASP A 255 -16.11 -4.70 4.73
CA ASP A 255 -15.91 -3.24 4.69
C ASP A 255 -14.46 -2.87 5.04
N GLY A 256 -13.82 -3.73 5.86
CA GLY A 256 -12.36 -3.61 6.14
C GLY A 256 -11.49 -3.86 4.91
N ILE A 257 -11.89 -4.84 4.10
CA ILE A 257 -11.21 -5.04 2.81
C ILE A 257 -11.38 -3.79 1.94
N ALA A 258 -12.59 -3.21 1.95
CA ALA A 258 -12.84 -1.96 1.20
C ALA A 258 -11.95 -0.83 1.72
N GLU A 259 -11.88 -0.69 3.05
CA GLU A 259 -11.00 0.34 3.64
C GLU A 259 -9.53 0.17 3.25
N VAL A 260 -9.00 -1.03 3.40
CA VAL A 260 -7.62 -1.34 2.96
C VAL A 260 -7.41 -1.08 1.45
N SER A 261 -8.37 -1.50 0.62
CA SER A 261 -8.33 -1.28 -0.83
C SER A 261 -8.25 0.22 -1.17
N GLN A 262 -9.01 1.02 -0.43
CA GLN A 262 -9.03 2.46 -0.64
C GLN A 262 -7.76 3.14 -0.16
N ILE A 263 -7.20 2.67 0.96
CA ILE A 263 -5.86 3.14 1.37
C ILE A 263 -4.84 2.84 0.25
N VAL A 265 -5.43 2.43 -2.92
CA VAL A 265 -5.76 3.35 -4.02
C VAL A 265 -5.14 4.75 -3.80
N ARG A 266 -5.28 5.29 -2.58
CA ARG A 266 -4.73 6.60 -2.23
CA ARG A 266 -4.72 6.60 -2.27
C ARG A 266 -3.20 6.61 -2.43
N ILE A 267 -2.52 5.58 -1.90
CA ILE A 267 -1.07 5.46 -2.08
C ILE A 267 -0.70 5.38 -3.58
N ASN A 268 -1.39 4.50 -4.31
CA ASN A 268 -1.10 4.28 -5.72
C ASN A 268 -1.30 5.57 -6.54
N ASN A 269 -2.32 6.35 -6.20
CA ASN A 269 -2.58 7.60 -6.93
C ASN A 269 -1.50 8.68 -6.71
N ILE A 270 -0.97 8.75 -5.49
CA ILE A 270 0.16 9.65 -5.22
C ILE A 270 1.37 9.20 -6.07
N LEU A 271 1.62 7.90 -6.05
CA LEU A 271 2.72 7.37 -6.84
C LEU A 271 2.47 7.48 -8.33
N LEU A 272 1.20 7.40 -8.75
CA LEU A 272 0.89 7.65 -10.17
C LEU A 272 1.29 9.08 -10.58
N ASP A 273 0.89 10.04 -9.74
CA ASP A 273 1.25 11.45 -9.91
C ASP A 273 2.79 11.60 -9.97
N TYR A 274 3.49 10.93 -9.05
CA TYR A 274 4.95 10.98 -9.03
C TYR A 274 5.56 10.48 -10.36
N THR A 275 5.10 9.33 -10.87
CA THR A 275 5.71 8.74 -12.09
C THR A 275 5.51 9.68 -13.27
N GLN A 276 4.34 10.31 -13.32
CA GLN A 276 4.06 11.28 -14.37
C GLN A 276 4.89 12.57 -14.30
N ASP A 277 5.13 13.06 -13.09
CA ASP A 277 6.02 14.24 -12.94
C ASP A 277 7.47 13.90 -13.24
N ILE A 278 7.96 12.76 -12.75
CA ILE A 278 9.35 12.39 -13.06
C ILE A 278 9.57 12.30 -14.57
N TRP A 279 8.64 11.62 -15.25
CA TRP A 279 8.62 11.55 -16.72
C TRP A 279 8.72 12.95 -17.34
N SER A 280 7.94 13.90 -16.83
CA SER A 280 8.05 15.30 -17.32
C SER A 280 9.40 15.94 -17.03
N TYR A 281 9.95 15.72 -15.83
CA TYR A 281 11.29 16.26 -15.52
C TYR A 281 12.37 15.65 -16.38
N ILE A 282 12.26 14.36 -16.66
CA ILE A 282 13.15 13.74 -17.64
C ILE A 282 12.98 14.40 -19.02
N SER A 283 11.74 14.54 -19.48
CA SER A 283 11.44 15.19 -20.77
C SER A 283 12.10 16.57 -20.90
N LEU A 284 12.08 17.35 -19.82
CA LEU A 284 12.72 18.67 -19.75
C LEU A 284 14.25 18.64 -19.62
N GLY A 285 14.80 17.44 -19.48
CA GLY A 285 16.24 17.27 -19.30
C GLY A 285 16.74 17.64 -17.91
N TYR A 286 15.85 17.70 -16.91
CA TYR A 286 16.21 18.04 -15.55
C TYR A 286 16.98 16.91 -14.87
N PHE A 287 16.78 15.69 -15.40
CA PHE A 287 17.52 14.51 -14.97
C PHE A 287 18.16 13.90 -16.19
N LYS A 288 19.34 13.31 -15.98
CA LYS A 288 20.09 12.57 -16.99
C LYS A 288 20.50 11.23 -16.33
N GLN A 289 21.11 10.30 -17.08
CA GLN A 289 21.42 9.01 -16.49
CA GLN A 289 21.48 8.98 -16.57
C GLN A 289 22.68 9.10 -15.63
N LYS A 290 22.63 8.44 -14.49
CA LYS A 290 23.80 8.52 -13.63
C LYS A 290 24.97 7.62 -14.01
N THR A 291 24.75 6.33 -14.19
CA THR A 291 25.86 5.35 -14.49
C THR A 291 27.28 5.73 -13.97
N SER A 298 32.83 8.97 -23.09
CA SER A 298 31.52 8.34 -22.98
C SER A 298 31.10 8.13 -21.51
N SER A 299 32.02 7.66 -20.68
CA SER A 299 31.80 7.56 -19.22
C SER A 299 31.45 8.91 -18.58
N THR A 300 32.09 9.97 -19.06
CA THR A 300 31.98 11.33 -18.50
C THR A 300 30.96 12.23 -19.23
N PRO A 302 27.32 13.48 -20.75
CA PRO A 302 25.90 13.39 -20.35
C PRO A 302 25.04 12.57 -21.33
N HIS A 303 24.21 11.68 -20.78
CA HIS A 303 23.33 10.83 -21.59
C HIS A 303 21.90 10.89 -21.03
N LYS A 304 20.92 10.75 -21.90
CA LYS A 304 19.52 10.74 -21.46
C LYS A 304 19.18 9.51 -20.63
N VAL A 305 18.31 9.67 -19.63
CA VAL A 305 17.81 8.52 -18.92
C VAL A 305 16.51 8.13 -19.58
N ASN A 306 16.35 6.83 -19.84
CA ASN A 306 15.09 6.32 -20.38
C ASN A 306 14.10 6.13 -19.23
N PRO A 307 12.91 6.78 -19.33
CA PRO A 307 11.97 6.73 -18.19
C PRO A 307 11.13 5.46 -18.10
N ILE A 308 11.55 4.40 -18.79
CA ILE A 308 10.77 3.16 -18.83
C ILE A 308 10.31 2.64 -17.47
N ASP A 309 11.14 2.75 -16.43
CA ASP A 309 10.70 2.19 -15.15
C ASP A 309 9.50 2.94 -14.56
N PHE A 310 9.48 4.24 -14.77
CA PHE A 310 8.38 5.06 -14.29
C PHE A 310 7.14 4.78 -15.13
N GLU A 311 7.33 4.53 -16.43
CA GLU A 311 6.19 4.19 -17.32
C GLU A 311 5.61 2.82 -16.97
N ASN A 312 6.49 1.85 -16.67
CA ASN A 312 6.04 0.54 -16.18
C ASN A 312 5.25 0.65 -14.86
N ALA A 313 5.76 1.43 -13.90
CA ALA A 313 5.06 1.68 -12.64
C ALA A 313 3.71 2.31 -12.91
N GLU A 314 3.68 3.30 -13.79
CA GLU A 314 2.44 4.00 -14.14
C GLU A 314 1.33 3.03 -14.61
N GLY A 315 1.70 2.11 -15.50
CA GLY A 315 0.75 1.13 -16.03
C GLY A 315 0.23 0.17 -14.96
N ASN A 316 1.15 -0.31 -14.11
CA ASN A 316 0.80 -1.27 -13.07
C ASN A 316 0.01 -0.64 -11.95
N LEU A 317 0.28 0.64 -11.66
CA LEU A 317 -0.49 1.32 -10.60
C LEU A 317 -1.96 1.44 -10.98
N GLY A 318 -2.22 1.74 -12.27
CA GLY A 318 -3.62 1.78 -12.77
C GLY A 318 -4.34 0.43 -12.73
N LEU A 319 -3.66 -0.63 -13.09
CA LEU A 319 -4.22 -1.97 -13.03
C LEU A 319 -4.55 -2.35 -11.58
N SER A 320 -3.62 -2.07 -10.66
CA SER A 320 -3.87 -2.35 -9.26
C SER A 320 -5.13 -1.60 -8.77
N ASN A 321 -5.24 -0.31 -9.11
CA ASN A 321 -6.42 0.48 -8.68
C ASN A 321 -7.71 -0.03 -9.27
N ALA A 322 -7.67 -0.48 -10.53
CA ALA A 322 -8.85 -1.03 -11.17
C ALA A 322 -9.48 -2.13 -10.32
N LEU A 323 -8.62 -3.03 -9.83
CA LEU A 323 -9.03 -4.16 -9.03
C LEU A 323 -9.42 -3.73 -7.63
N PHE A 324 -8.60 -2.87 -7.00
CA PHE A 324 -8.90 -2.42 -5.63
C PHE A 324 -10.22 -1.66 -5.53
N ILE A 325 -10.48 -0.81 -6.51
CA ILE A 325 -11.77 -0.10 -6.61
C ILE A 325 -12.92 -1.08 -6.76
N HIS A 326 -12.74 -2.08 -7.63
CA HIS A 326 -13.76 -3.10 -7.79
C HIS A 326 -14.03 -3.85 -6.48
N PHE A 327 -12.96 -4.24 -5.77
CA PHE A 327 -13.16 -4.95 -4.52
C PHE A 327 -14.01 -4.14 -3.55
N ALA A 328 -13.67 -2.87 -3.37
CA ALA A 328 -14.37 -2.02 -2.40
C ALA A 328 -15.87 -1.89 -2.73
N ASN A 329 -16.22 -1.87 -4.03
CA ASN A 329 -17.59 -1.72 -4.44
C ASN A 329 -18.37 -3.02 -4.42
N LYS A 330 -17.76 -4.10 -4.89
CA LYS A 330 -18.50 -5.34 -5.12
C LYS A 330 -18.57 -6.19 -3.86
N LEU A 331 -17.47 -6.30 -3.12
CA LEU A 331 -17.47 -7.21 -1.96
C LEU A 331 -18.43 -6.77 -0.82
N THR A 332 -18.82 -5.50 -0.86
CA THR A 332 -19.60 -4.90 0.25
C THR A 332 -21.12 -5.02 0.06
N GLN A 333 -21.54 -5.73 -0.98
CA GLN A 333 -22.92 -6.24 -1.01
C GLN A 333 -22.91 -7.73 -1.12
N SER A 334 -23.85 -8.38 -0.44
CA SER A 334 -24.00 -9.83 -0.50
C SER A 334 -25.44 -10.08 -0.15
N ARG A 335 -26.12 -10.88 -0.94
CA ARG A 335 -27.56 -11.00 -0.80
C ARG A 335 -27.98 -11.69 0.49
N GLN A 337 -28.32 -13.30 3.93
CA GLN A 337 -27.29 -13.80 4.87
C GLN A 337 -25.98 -14.25 4.20
N ARG A 338 -25.99 -14.21 2.86
CA ARG A 338 -24.81 -14.03 1.95
C ARG A 338 -25.10 -14.77 0.65
N ASP A 339 -24.51 -14.27 -0.45
CA ASP A 339 -24.38 -15.06 -1.67
C ASP A 339 -22.91 -15.43 -1.82
N LEU A 340 -22.62 -16.45 -2.63
CA LEU A 340 -21.24 -16.89 -2.72
C LEU A 340 -20.33 -16.19 -3.74
N SER A 341 -20.84 -15.16 -4.42
CA SER A 341 -20.05 -14.52 -5.49
C SER A 341 -18.78 -13.80 -5.01
N ASP A 342 -18.67 -13.57 -3.70
CA ASP A 342 -17.43 -12.98 -3.16
C ASP A 342 -16.26 -13.98 -3.09
N SER A 343 -16.56 -15.28 -3.01
N SER A 343 -16.57 -15.27 -3.04
CA SER A 343 -15.53 -16.29 -2.82
CA SER A 343 -15.54 -16.29 -2.80
C SER A 343 -14.45 -16.20 -3.90
C SER A 343 -14.47 -16.32 -3.89
N THR A 344 -14.89 -16.27 -5.16
CA THR A 344 -13.97 -16.30 -6.28
C THR A 344 -13.21 -14.96 -6.34
N VAL A 345 -13.91 -13.88 -5.96
CA VAL A 345 -13.29 -12.54 -5.99
C VAL A 345 -12.15 -12.42 -4.97
N LEU A 346 -12.37 -12.95 -3.76
CA LEU A 346 -11.29 -12.98 -2.74
C LEU A 346 -9.98 -13.67 -3.16
N ARG A 347 -10.05 -14.63 -4.08
CA ARG A 347 -8.87 -15.31 -4.60
C ARG A 347 -7.99 -14.36 -5.40
N ASN A 348 -8.47 -13.13 -5.63
CA ASN A 348 -7.75 -12.17 -6.47
C ASN A 348 -7.15 -10.98 -5.70
N LEU A 349 -7.26 -10.99 -4.38
CA LEU A 349 -6.69 -9.91 -3.54
C LEU A 349 -5.19 -9.76 -3.82
N GLY A 350 -4.52 -10.91 -3.88
CA GLY A 350 -3.09 -10.98 -4.18
C GLY A 350 -2.68 -10.38 -5.51
N VAL A 351 -3.54 -10.52 -6.51
CA VAL A 351 -3.32 -9.95 -7.85
C VAL A 351 -3.23 -8.43 -7.76
N ALA A 352 -4.16 -7.81 -7.04
CA ALA A 352 -4.11 -6.37 -6.85
C ALA A 352 -2.84 -5.90 -6.11
N PHE A 353 -2.50 -6.58 -5.03
CA PHE A 353 -1.27 -6.24 -4.29
C PHE A 353 -0.03 -6.45 -5.17
N SER A 354 -0.09 -7.47 -6.06
CA SER A 354 1.01 -7.78 -6.95
C SER A 354 1.27 -6.70 -7.98
N TYR A 355 0.20 -6.16 -8.57
CA TYR A 355 0.38 -5.03 -9.50
C TYR A 355 1.04 -3.84 -8.79
N SER A 356 0.58 -3.56 -7.55
CA SER A 356 1.21 -2.54 -6.71
C SER A 356 2.71 -2.80 -6.49
N LEU A 357 3.03 -4.02 -6.05
CA LEU A 357 4.41 -4.40 -5.75
C LEU A 357 5.35 -4.26 -6.95
N ILE A 358 4.89 -4.71 -8.12
CA ILE A 358 5.65 -4.54 -9.37
C ILE A 358 5.91 -3.06 -9.63
N ALA A 359 4.87 -2.25 -9.43
CA ALA A 359 5.00 -0.80 -9.58
C ALA A 359 6.01 -0.23 -8.59
N TYR A 360 5.96 -0.64 -7.32
CA TYR A 360 6.93 -0.12 -6.32
C TYR A 360 8.37 -0.47 -6.71
N HIS A 361 8.59 -1.71 -7.10
CA HIS A 361 9.92 -2.14 -7.54
C HIS A 361 10.40 -1.29 -8.72
N SER A 362 9.51 -1.01 -9.67
CA SER A 362 9.85 -0.13 -10.81
C SER A 362 10.21 1.30 -10.40
N VAL A 363 9.45 1.88 -9.48
CA VAL A 363 9.76 3.23 -8.97
C VAL A 363 11.17 3.27 -8.33
N ALA A 364 11.47 2.30 -7.46
CA ALA A 364 12.77 2.20 -6.79
C ALA A 364 13.86 2.08 -7.84
N LYS A 365 13.62 1.24 -8.85
CA LYS A 365 14.62 1.00 -9.88
C LYS A 365 14.87 2.25 -10.72
N GLY A 366 13.80 2.98 -11.09
CA GLY A 366 13.93 4.25 -11.86
C GLY A 366 14.62 5.35 -11.05
N ASN A 367 14.26 5.46 -9.77
CA ASN A 367 14.83 6.47 -8.90
C ASN A 367 16.35 6.37 -8.87
N ASP A 368 16.86 5.14 -8.86
CA ASP A 368 18.30 4.88 -8.76
C ASP A 368 19.08 5.27 -10.02
N LYS A 369 18.36 5.57 -11.11
CA LYS A 369 18.98 5.99 -12.36
C LYS A 369 19.12 7.51 -12.52
N LEU A 370 18.42 8.27 -11.67
CA LEU A 370 18.36 9.70 -11.84
C LEU A 370 19.60 10.43 -11.35
N GLN A 371 20.21 11.23 -12.23
CA GLN A 371 21.21 12.20 -11.83
C GLN A 371 20.71 13.60 -12.22
N ILE A 372 20.86 14.57 -11.33
CA ILE A 372 20.37 15.91 -11.59
C ILE A 372 21.19 16.55 -12.73
N ASN A 373 20.52 17.32 -13.59
CA ASN A 373 21.21 18.05 -14.65
C ASN A 373 21.09 19.57 -14.42
N LYS A 374 22.03 20.11 -13.64
CA LYS A 374 21.95 21.49 -13.15
C LYS A 374 21.87 22.52 -14.26
N SER A 375 22.63 22.33 -15.33
CA SER A 375 22.63 23.31 -16.42
C SER A 375 21.26 23.45 -17.12
N ALA A 376 20.53 22.35 -17.31
CA ALA A 376 19.16 22.42 -17.83
C ALA A 376 18.26 23.29 -16.93
N LEU A 377 18.35 23.06 -15.62
CA LEU A 377 17.55 23.80 -14.65
C LEU A 377 17.88 25.26 -14.62
N GLN A 378 19.18 25.58 -14.75
CA GLN A 378 19.64 26.95 -14.71
C GLN A 378 19.29 27.76 -15.98
N LYS A 379 19.38 27.10 -17.13
CA LYS A 379 19.00 27.70 -18.40
C LYS A 379 17.56 28.20 -18.32
N ASP A 380 16.65 27.32 -17.90
CA ASP A 380 15.26 27.70 -17.79
C ASP A 380 15.01 28.88 -16.83
N LEU A 381 15.65 28.89 -15.65
CA LEU A 381 15.51 30.03 -14.73
C LEU A 381 15.98 31.33 -15.33
N SER A 382 17.10 31.24 -16.05
CA SER A 382 17.75 32.46 -16.48
C SER A 382 17.00 33.10 -17.66
N GLU A 383 16.11 32.33 -18.27
CA GLU A 383 15.29 32.75 -19.41
C GLU A 383 13.92 33.28 -19.01
N ASN A 384 13.60 33.21 -17.72
CA ASN A 384 12.28 33.54 -17.22
C ASN A 384 12.28 34.52 -16.05
N TRP A 385 12.84 35.70 -16.26
CA TRP A 385 12.88 36.73 -15.20
C TRP A 385 11.49 37.25 -14.82
N GLU A 386 10.53 37.10 -15.72
CA GLU A 386 9.14 37.48 -15.43
C GLU A 386 8.59 36.89 -14.13
N VAL A 387 9.19 35.79 -13.64
CA VAL A 387 8.65 35.12 -12.44
C VAL A 387 8.96 35.90 -11.16
N LEU A 388 9.78 36.93 -11.24
CA LEU A 388 10.03 37.77 -10.08
C LEU A 388 8.95 38.83 -9.83
N ALA A 389 8.01 38.97 -10.77
CA ALA A 389 7.06 40.06 -10.75
C ALA A 389 6.32 40.14 -9.42
N GLU A 390 5.90 38.97 -8.92
CA GLU A 390 5.15 38.94 -7.67
C GLU A 390 5.97 39.44 -6.47
N ALA A 391 7.27 39.17 -6.48
CA ALA A 391 8.15 39.74 -5.45
C ALA A 391 8.10 41.27 -5.46
N ILE A 392 8.23 41.88 -6.64
CA ILE A 392 8.16 43.34 -6.79
C ILE A 392 6.82 43.86 -6.28
N GLN A 393 5.74 43.20 -6.69
CA GLN A 393 4.37 43.59 -6.35
C GLN A 393 4.11 43.57 -4.85
N THR A 394 4.55 42.49 -4.21
CA THR A 394 4.34 42.29 -2.78
C THR A 394 5.17 43.25 -1.93
N VAL A 395 6.37 43.60 -2.39
CA VAL A 395 7.15 44.65 -1.74
C VAL A 395 6.44 46.02 -1.88
N ARG A 397 3.18 46.42 -2.14
CA ARG A 397 2.08 46.37 -1.20
C ARG A 397 2.51 46.77 0.21
N ARG A 398 3.65 46.24 0.66
CA ARG A 398 4.15 46.50 2.01
C ARG A 398 4.24 47.99 2.30
N TYR A 399 4.64 48.76 1.29
CA TYR A 399 4.77 50.21 1.41
C TYR A 399 3.55 50.92 0.82
N ASN A 400 2.41 50.22 0.90
CA ASN A 400 1.08 50.76 0.58
C ASN A 400 0.94 51.37 -0.83
N GLU A 401 1.68 50.84 -1.81
CA GLU A 401 1.52 51.27 -3.22
C GLU A 401 0.27 50.62 -3.84
N PRO A 402 -0.61 51.45 -4.45
CA PRO A 402 -2.02 51.14 -4.72
C PRO A 402 -2.28 50.08 -5.78
N ASN A 403 -1.80 50.30 -7.00
CA ASN A 403 -2.15 49.41 -8.11
C ASN A 403 -1.04 48.45 -8.46
N ALA A 404 -0.39 47.90 -7.44
CA ALA A 404 0.83 47.10 -7.60
C ALA A 404 0.70 45.95 -8.60
N TYR A 405 -0.43 45.24 -8.58
CA TYR A 405 -0.68 44.13 -9.50
C TYR A 405 -0.84 44.60 -10.95
N GLU A 406 -1.70 45.59 -11.16
CA GLU A 406 -1.96 46.13 -12.51
C GLU A 406 -0.69 46.67 -13.17
N GLN A 407 0.13 47.39 -12.39
CA GLN A 407 1.41 47.96 -12.84
C GLN A 407 2.39 46.92 -13.36
N LEU A 408 2.51 45.82 -12.63
CA LEU A 408 3.38 44.73 -13.06
C LEU A 408 2.81 43.97 -14.25
N LYS A 409 1.49 43.85 -14.33
CA LYS A 409 0.85 43.27 -15.52
C LYS A 409 1.10 44.14 -16.75
N GLU A 410 1.02 45.45 -16.58
CA GLU A 410 1.29 46.41 -17.66
C GLU A 410 2.75 46.30 -18.10
N LEU A 411 3.65 46.09 -17.15
CA LEU A 411 5.06 45.88 -17.45
C LEU A 411 5.28 44.58 -18.22
N THR A 412 4.87 43.47 -17.59
CA THR A 412 5.10 42.12 -18.12
C THR A 412 4.47 41.83 -19.47
N ARG A 413 3.35 42.48 -19.78
CA ARG A 413 2.64 42.21 -21.03
C ARG A 413 3.14 43.09 -22.19
N GLY A 414 4.00 44.06 -21.88
CA GLY A 414 4.44 45.06 -22.87
C GLY A 414 5.87 44.93 -23.35
N GLN A 415 6.67 44.15 -22.62
CA GLN A 415 8.07 43.90 -22.97
C GLN A 415 8.51 42.52 -22.51
N ILE A 417 10.81 40.62 -20.33
CA ILE A 417 11.52 41.00 -19.12
C ILE A 417 12.86 40.30 -18.92
N ASP A 418 13.87 41.10 -18.57
CA ASP A 418 15.16 40.60 -18.13
C ASP A 418 15.61 41.39 -16.90
N ALA A 419 16.86 41.19 -16.47
CA ALA A 419 17.43 41.93 -15.35
C ALA A 419 17.36 43.45 -15.55
N GLU A 420 17.77 43.91 -16.73
CA GLU A 420 17.82 45.34 -17.07
C GLU A 420 16.49 46.10 -16.94
N ASN A 421 15.45 45.64 -17.64
CA ASN A 421 14.11 46.26 -17.54
C ASN A 421 13.58 46.23 -16.12
N LEU A 422 13.90 45.18 -15.38
CA LEU A 422 13.43 45.02 -14.01
C LEU A 422 14.06 46.10 -13.13
N LYS A 423 15.39 46.17 -13.14
CA LYS A 423 16.11 47.22 -12.44
C LYS A 423 15.51 48.62 -12.74
N LYS A 424 15.37 48.92 -14.04
CA LYS A 424 14.77 50.17 -14.51
C LYS A 424 13.38 50.43 -13.92
N PHE A 425 12.53 49.39 -13.89
CA PHE A 425 11.19 49.53 -13.31
C PHE A 425 11.26 49.77 -11.80
N ILE A 426 12.09 48.99 -11.12
CA ILE A 426 12.24 49.06 -9.66
C ILE A 426 12.60 50.48 -9.22
N LYS A 427 13.55 51.09 -9.93
CA LYS A 427 14.03 52.44 -9.61
C LYS A 427 12.91 53.47 -9.70
N THR A 428 11.93 53.22 -10.56
CA THR A 428 10.83 54.16 -10.79
C THR A 428 9.73 54.02 -9.72
N LEU A 429 9.95 53.12 -8.79
CA LEU A 429 8.97 52.89 -7.73
C LEU A 429 9.23 53.83 -6.58
N SER A 430 8.17 54.15 -5.83
CA SER A 430 8.32 54.92 -4.59
C SER A 430 8.22 53.95 -3.42
N ILE A 431 9.40 53.43 -3.08
CA ILE A 431 9.65 52.49 -1.98
C ILE A 431 11.00 52.91 -1.37
N PRO A 432 11.30 52.52 -0.12
CA PRO A 432 12.59 52.88 0.48
C PRO A 432 13.78 52.40 -0.34
N GLU A 433 14.86 53.19 -0.34
CA GLU A 433 16.06 52.85 -1.10
C GLU A 433 16.61 51.45 -0.80
N GLU A 434 16.59 51.07 0.48
CA GLU A 434 17.00 49.72 0.89
C GLU A 434 16.09 48.67 0.24
N ALA A 435 14.79 48.93 0.21
CA ALA A 435 13.84 48.03 -0.47
C ALA A 435 14.19 47.86 -1.95
N LYS A 436 14.52 48.96 -2.64
CA LYS A 436 14.92 48.89 -4.05
C LYS A 436 16.12 47.97 -4.18
N ALA A 437 17.17 48.27 -3.40
CA ALA A 437 18.45 47.54 -3.43
C ALA A 437 18.27 46.03 -3.29
N GLU A 438 17.43 45.59 -2.36
CA GLU A 438 17.18 44.16 -2.17
C GLU A 438 16.46 43.53 -3.36
N LEU A 439 15.53 44.26 -3.97
CA LEU A 439 14.86 43.75 -5.16
C LEU A 439 15.80 43.69 -6.36
N LYS A 441 18.83 42.91 -6.21
CA LYS A 441 19.72 41.77 -5.98
C LYS A 441 19.04 40.46 -6.42
N LEU A 442 17.72 40.48 -6.47
CA LEU A 442 16.98 39.24 -6.73
C LEU A 442 17.21 38.70 -8.16
N THR A 443 17.25 37.37 -8.28
CA THR A 443 17.41 36.67 -9.54
C THR A 443 16.44 35.49 -9.47
N PRO A 444 16.03 34.92 -10.62
CA PRO A 444 15.11 33.76 -10.48
C PRO A 444 15.69 32.62 -9.64
N GLU A 445 16.97 32.31 -9.82
CA GLU A 445 17.55 31.17 -9.06
C GLU A 445 17.64 31.46 -7.57
N THR A 446 17.55 32.73 -7.19
CA THR A 446 17.55 33.09 -5.77
C THR A 446 16.15 33.46 -5.26
N TYR A 447 15.10 33.18 -6.02
CA TYR A 447 13.74 33.47 -5.57
C TYR A 447 12.99 32.15 -5.27
N THR A 448 13.55 31.36 -4.37
CA THR A 448 12.99 30.05 -4.07
C THR A 448 12.23 30.02 -2.75
N GLY A 449 12.10 31.18 -2.09
CA GLY A 449 11.34 31.28 -0.83
C GLY A 449 11.87 30.35 0.25
N LEU A 450 10.99 29.54 0.83
CA LEU A 450 11.38 28.65 1.90
C LEU A 450 11.53 27.19 1.48
N ALA A 451 11.60 26.95 0.15
CA ALA A 451 11.78 25.61 -0.42
C ALA A 451 12.86 24.81 0.32
N THR A 452 14.09 25.34 0.41
CA THR A 452 15.18 24.54 1.01
C THR A 452 15.00 24.36 2.51
N GLN A 453 14.49 25.39 3.18
CA GLN A 453 14.18 25.32 4.61
C GLN A 453 13.15 24.22 4.90
N LEU A 454 12.12 24.16 4.07
CA LEU A 454 11.07 23.13 4.18
C LEU A 454 11.63 21.74 3.92
N VAL A 455 12.55 21.60 2.97
CA VAL A 455 13.18 20.29 2.74
C VAL A 455 14.00 19.84 3.97
N LYS A 456 14.81 20.75 4.51
CA LYS A 456 15.63 20.40 5.67
C LYS A 456 14.74 19.98 6.87
N ALA A 457 13.63 20.68 7.04
CA ALA A 457 12.69 20.43 8.14
C ALA A 457 11.94 19.11 7.96
N PHE A 458 11.86 18.64 6.73
CA PHE A 458 11.09 17.45 6.44
C PHE A 458 11.69 16.17 7.04
N SER A 459 10.81 15.42 7.66
CA SER A 459 11.09 14.09 8.07
C SER A 459 9.76 13.34 7.96
#